data_1G0N
#
_entry.id   1G0N
#
_cell.length_a   140.5
_cell.length_b   140.5
_cell.length_c   72.7
_cell.angle_alpha   90.
_cell.angle_beta   90.
_cell.angle_gamma   120.
#
_symmetry.space_group_name_H-M   'P 31 2 1'
#
loop_
_entity.id
_entity.type
_entity.pdbx_description
1 polymer 'TRIHYDROXYNAPHTHALENE REDUCTASE'
2 non-polymer 'NADPH DIHYDRO-NICOTINAMIDE-ADENINE-DINUCLEOTIDE PHOSPHATE'
3 non-polymer 4,5,6,7-TETRACHLORO-PHTHALIDE
4 water water
#
_entity_poly.entity_id   1
_entity_poly.type   'polypeptide(L)'
_entity_poly.pdbx_seq_one_letter_code
;MPAVTQPRGESKYDAIPGPLGPQSASLEGKVALVTGAGRGIGREMAMELGRRGCKVIVNYANSTESAEEVVAAIKKNGSD
AACVKANVGVVEDIVRMFEEAVKIFGKLDIVCSNSGVVSFGHVKDVTPEEFDRVFTINTRGQFFVAREAYKHLEIGGRLI
LMGSITGQAKAVPKHAVYSGSKGAIETFARCMAIDMADKKITVNVVAPGGIKTDMYHAVCREYIPNGENLSNEEVDEYAA
VQWSPLRRVGLPIDIARVVCFLASNDGGWVTGKVIGIDGGACM
;
_entity_poly.pdbx_strand_id   A,B
#
loop_
_chem_comp.id
_chem_comp.type
_chem_comp.name
_chem_comp.formula
NDP non-polymer 'NADPH DIHYDRO-NICOTINAMIDE-ADENINE-DINUCLEOTIDE PHOSPHATE' 'C21 H30 N7 O17 P3'
PHH non-polymer 4,5,6,7-TETRACHLORO-PHTHALIDE 'C8 H2 Cl4 O2'
#
# COMPACT_ATOMS: atom_id res chain seq x y z
N SER A 11 -25.94 8.27 -7.22
CA SER A 11 -26.11 8.68 -8.61
C SER A 11 -25.06 9.73 -8.92
N LYS A 12 -25.00 10.78 -8.10
CA LYS A 12 -23.95 11.78 -8.28
C LYS A 12 -22.68 11.15 -7.68
N TYR A 13 -22.88 10.10 -6.90
CA TYR A 13 -21.81 9.35 -6.29
C TYR A 13 -21.21 8.39 -7.31
N ASP A 14 -21.79 8.36 -8.51
CA ASP A 14 -21.25 7.49 -9.55
C ASP A 14 -20.06 8.18 -10.22
N ALA A 15 -19.85 9.46 -9.91
CA ALA A 15 -18.73 10.19 -10.51
C ALA A 15 -17.38 9.59 -10.16
N ILE A 16 -16.59 9.34 -11.21
CA ILE A 16 -15.27 8.76 -11.08
C ILE A 16 -14.31 9.80 -10.55
N PRO A 17 -13.69 9.52 -9.38
CA PRO A 17 -12.73 10.46 -8.79
C PRO A 17 -11.41 10.44 -9.53
N GLY A 18 -11.13 11.48 -10.30
CA GLY A 18 -9.86 11.50 -11.01
C GLY A 18 -9.87 10.72 -12.31
N PRO A 19 -8.75 10.74 -13.02
CA PRO A 19 -8.62 10.04 -14.29
C PRO A 19 -8.51 8.52 -14.26
N LEU A 20 -9.12 7.90 -15.27
CA LEU A 20 -9.05 6.46 -15.45
C LEU A 20 -7.70 6.24 -16.12
N GLY A 21 -7.09 5.09 -15.91
CA GLY A 21 -5.81 4.83 -16.53
C GLY A 21 -4.61 5.29 -15.74
N PRO A 22 -3.40 5.07 -16.27
CA PRO A 22 -2.08 5.38 -15.71
C PRO A 22 -1.90 6.79 -15.17
N GLN A 23 -2.66 7.75 -15.69
CA GLN A 23 -2.52 9.13 -15.24
C GLN A 23 -2.88 9.29 -13.80
N SER A 24 -3.66 8.34 -13.29
CA SER A 24 -4.07 8.39 -11.89
C SER A 24 -2.87 8.24 -10.93
N ALA A 25 -1.74 7.73 -11.43
CA ALA A 25 -0.53 7.55 -10.64
C ALA A 25 0.40 8.74 -10.77
N SER A 26 0.01 9.71 -11.59
CA SER A 26 0.84 10.89 -11.83
C SER A 26 0.87 11.90 -10.71
N LEU A 27 2.07 12.42 -10.47
CA LEU A 27 2.28 13.44 -9.46
C LEU A 27 2.73 14.73 -10.16
N GLU A 28 2.47 14.80 -11.46
CA GLU A 28 2.85 15.98 -12.24
C GLU A 28 2.19 17.24 -11.74
N GLY A 29 3.01 18.26 -11.50
CA GLY A 29 2.50 19.54 -11.03
C GLY A 29 2.14 19.60 -9.56
N LYS A 30 2.54 18.56 -8.83
CA LYS A 30 2.27 18.48 -7.39
C LYS A 30 3.43 19.09 -6.64
N VAL A 31 3.13 19.64 -5.47
CA VAL A 31 4.16 20.21 -4.62
C VAL A 31 4.15 19.39 -3.33
N ALA A 32 5.31 18.85 -2.99
CA ALA A 32 5.45 18.05 -1.78
C ALA A 32 6.49 18.62 -0.83
N LEU A 33 6.31 18.33 0.45
CA LEU A 33 7.25 18.73 1.49
C LEU A 33 7.65 17.45 2.24
N VAL A 34 8.94 17.23 2.37
CA VAL A 34 9.46 16.06 3.07
C VAL A 34 10.34 16.50 4.23
N THR A 35 9.99 16.12 5.45
CA THR A 35 10.82 16.45 6.62
C THR A 35 11.98 15.46 6.69
N GLY A 36 13.17 15.96 7.01
CA GLY A 36 14.36 15.13 7.08
C GLY A 36 14.78 14.57 5.73
N ALA A 37 14.70 15.41 4.69
CA ALA A 37 15.01 14.96 3.34
C ALA A 37 16.45 15.11 2.89
N GLY A 38 17.33 15.51 3.79
CA GLY A 38 18.72 15.64 3.41
C GLY A 38 19.44 14.30 3.34
N ARG A 39 18.91 13.29 4.03
CA ARG A 39 19.53 11.95 4.09
C ARG A 39 18.51 10.83 4.22
N GLY A 40 19.00 9.60 4.09
CA GLY A 40 18.20 8.40 4.25
C GLY A 40 16.94 8.24 3.44
N ILE A 41 15.92 7.65 4.06
CA ILE A 41 14.63 7.44 3.43
C ILE A 41 14.01 8.76 2.94
N GLY A 42 14.13 9.81 3.76
CA GLY A 42 13.60 11.12 3.40
C GLY A 42 14.19 11.69 2.12
N ARG A 43 15.49 11.55 1.93
CA ARG A 43 16.17 12.02 0.73
C ARG A 43 15.60 11.30 -0.51
N GLU A 44 15.46 9.98 -0.43
CA GLU A 44 14.94 9.21 -1.53
C GLU A 44 13.48 9.51 -1.81
N MET A 45 12.69 9.79 -0.77
CA MET A 45 11.30 10.14 -0.96
C MET A 45 11.29 11.40 -1.81
N ALA A 46 12.10 12.38 -1.41
CA ALA A 46 12.21 13.65 -2.15
C ALA A 46 12.64 13.45 -3.62
N MET A 47 13.70 12.66 -3.83
CA MET A 47 14.20 12.36 -5.17
C MET A 47 13.16 11.71 -6.06
N GLU A 48 12.49 10.67 -5.54
CA GLU A 48 11.47 9.91 -6.28
C GLU A 48 10.25 10.75 -6.57
N LEU A 49 9.83 11.55 -5.60
CA LEU A 49 8.70 12.46 -5.76
C LEU A 49 9.08 13.46 -6.87
N GLY A 50 10.33 13.90 -6.85
CA GLY A 50 10.83 14.82 -7.85
C GLY A 50 10.83 14.16 -9.21
N ARG A 51 11.24 12.90 -9.26
CA ARG A 51 11.26 12.15 -10.52
C ARG A 51 9.90 11.96 -11.13
N ARG A 52 8.86 11.88 -10.30
CA ARG A 52 7.49 11.70 -10.80
C ARG A 52 6.79 13.03 -11.10
N GLY A 53 7.55 14.13 -11.06
CA GLY A 53 6.98 15.43 -11.40
C GLY A 53 6.67 16.44 -10.31
N CYS A 54 7.03 16.16 -9.06
CA CYS A 54 6.76 17.10 -7.96
C CYS A 54 7.81 18.16 -7.75
N LYS A 55 7.39 19.30 -7.21
CA LYS A 55 8.32 20.35 -6.82
C LYS A 55 8.49 19.95 -5.35
N VAL A 56 9.72 19.92 -4.85
CA VAL A 56 9.93 19.47 -3.48
C VAL A 56 10.61 20.42 -2.50
N ILE A 57 10.05 20.55 -1.30
CA ILE A 57 10.69 21.35 -0.26
C ILE A 57 11.43 20.31 0.58
N VAL A 58 12.74 20.40 0.55
CA VAL A 58 13.62 19.49 1.26
C VAL A 58 13.94 20.07 2.65
N ASN A 59 13.23 19.60 3.68
CA ASN A 59 13.48 20.05 5.05
C ASN A 59 14.69 19.32 5.64
N TYR A 60 15.39 19.99 6.56
CA TYR A 60 16.56 19.41 7.23
C TYR A 60 16.73 20.19 8.52
N ALA A 61 17.41 19.59 9.49
CA ALA A 61 17.62 20.27 10.76
C ALA A 61 19.09 20.57 10.95
N ASN A 62 19.94 19.71 10.41
CA ASN A 62 21.37 19.84 10.56
C ASN A 62 22.16 19.69 9.28
N SER A 63 21.85 18.65 8.50
CA SER A 63 22.53 18.35 7.24
C SER A 63 22.27 19.37 6.11
N THR A 64 22.78 20.58 6.30
CA THR A 64 22.61 21.67 5.33
C THR A 64 23.18 21.34 3.97
N GLU A 65 24.45 20.94 3.95
CA GLU A 65 25.18 20.59 2.72
C GLU A 65 24.53 19.43 1.99
N SER A 66 24.02 18.48 2.77
CA SER A 66 23.35 17.31 2.20
C SER A 66 22.00 17.74 1.61
N ALA A 67 21.32 18.66 2.30
CA ALA A 67 20.02 19.15 1.86
C ALA A 67 20.11 19.90 0.53
N GLU A 68 21.16 20.70 0.37
CA GLU A 68 21.34 21.43 -0.88
C GLU A 68 21.73 20.48 -2.00
N GLU A 69 22.39 19.37 -1.63
CA GLU A 69 22.79 18.38 -2.59
C GLU A 69 21.56 17.68 -3.13
N VAL A 70 20.59 17.43 -2.25
CA VAL A 70 19.35 16.78 -2.65
C VAL A 70 18.58 17.75 -3.53
N VAL A 71 18.56 19.01 -3.14
CA VAL A 71 17.86 20.05 -3.90
C VAL A 71 18.44 20.19 -5.31
N ALA A 72 19.77 20.13 -5.41
CA ALA A 72 20.43 20.27 -6.71
C ALA A 72 20.19 19.04 -7.56
N ALA A 73 20.20 17.89 -6.92
CA ALA A 73 19.98 16.64 -7.62
C ALA A 73 18.57 16.58 -8.18
N ILE A 74 17.61 17.05 -7.39
CA ILE A 74 16.21 17.03 -7.83
C ILE A 74 16.04 17.95 -9.04
N LYS A 75 16.72 19.09 -9.00
CA LYS A 75 16.66 20.05 -10.11
C LYS A 75 17.27 19.45 -11.36
N LYS A 76 18.37 18.71 -11.20
CA LYS A 76 19.04 18.07 -12.32
C LYS A 76 18.11 17.07 -13.00
N ASN A 77 17.27 16.39 -12.23
CA ASN A 77 16.33 15.43 -12.79
C ASN A 77 15.13 16.11 -13.48
N GLY A 78 15.12 17.44 -13.49
CA GLY A 78 14.07 18.18 -14.16
C GLY A 78 12.86 18.64 -13.38
N SER A 79 13.05 18.96 -12.11
CA SER A 79 11.94 19.42 -11.28
C SER A 79 12.50 20.41 -10.26
N ASP A 80 11.70 21.40 -9.89
CA ASP A 80 12.16 22.40 -8.94
C ASP A 80 12.17 21.90 -7.49
N ALA A 81 13.06 22.47 -6.69
CA ALA A 81 13.19 22.08 -5.30
C ALA A 81 13.81 23.21 -4.51
N ALA A 82 13.69 23.13 -3.19
CA ALA A 82 14.24 24.14 -2.29
C ALA A 82 14.31 23.58 -0.88
N CYS A 83 15.35 23.94 -0.14
CA CYS A 83 15.49 23.45 1.23
C CYS A 83 15.03 24.48 2.27
N VAL A 84 14.44 23.98 3.34
CA VAL A 84 13.94 24.81 4.42
C VAL A 84 14.41 24.20 5.72
N LYS A 85 15.13 24.97 6.52
CA LYS A 85 15.63 24.47 7.78
C LYS A 85 14.59 24.57 8.88
N ALA A 86 14.43 23.50 9.63
CA ALA A 86 13.47 23.47 10.72
C ALA A 86 13.70 22.26 11.58
N ASN A 87 13.63 22.49 12.89
CA ASN A 87 13.77 21.46 13.91
C ASN A 87 12.36 21.06 14.33
N VAL A 88 11.99 19.85 13.98
CA VAL A 88 10.67 19.28 14.28
C VAL A 88 10.36 19.21 15.79
N GLY A 89 11.40 19.32 16.62
CA GLY A 89 11.22 19.31 18.05
C GLY A 89 10.78 20.65 18.56
N VAL A 90 10.79 21.65 17.68
CA VAL A 90 10.38 23.01 18.04
C VAL A 90 9.14 23.31 17.19
N VAL A 91 7.98 23.43 17.81
CA VAL A 91 6.73 23.67 17.08
C VAL A 91 6.77 24.97 16.27
N GLU A 92 7.47 25.96 16.79
CA GLU A 92 7.59 27.27 16.14
C GLU A 92 8.29 27.13 14.80
N ASP A 93 9.27 26.23 14.75
CA ASP A 93 10.02 25.97 13.52
C ASP A 93 9.15 25.35 12.43
N ILE A 94 8.28 24.43 12.85
CA ILE A 94 7.37 23.73 11.96
C ILE A 94 6.38 24.71 11.34
N VAL A 95 5.80 25.58 12.17
CA VAL A 95 4.85 26.59 11.68
C VAL A 95 5.56 27.46 10.64
N ARG A 96 6.73 27.97 11.02
CA ARG A 96 7.52 28.81 10.15
C ARG A 96 7.88 28.06 8.88
N MET A 97 8.21 26.79 9.00
CA MET A 97 8.57 25.97 7.86
C MET A 97 7.45 25.85 6.83
N PHE A 98 6.23 25.69 7.30
CA PHE A 98 5.08 25.57 6.40
C PHE A 98 4.75 26.89 5.71
N GLU A 99 4.90 27.99 6.44
CA GLU A 99 4.65 29.32 5.88
C GLU A 99 5.68 29.61 4.79
N GLU A 100 6.95 29.27 5.04
CA GLU A 100 8.02 29.48 4.07
C GLU A 100 7.81 28.56 2.88
N ALA A 101 7.27 27.37 3.14
CA ALA A 101 7.07 26.41 2.09
C ALA A 101 6.04 26.87 1.08
N VAL A 102 4.91 27.36 1.57
CA VAL A 102 3.85 27.79 0.67
C VAL A 102 4.18 29.08 -0.05
N LYS A 103 5.21 29.77 0.41
CA LYS A 103 5.62 30.99 -0.26
C LYS A 103 6.67 30.74 -1.31
N ILE A 104 7.27 29.56 -1.26
CA ILE A 104 8.27 29.17 -2.23
C ILE A 104 7.55 28.65 -3.47
N PHE A 105 6.62 27.71 -3.29
CA PHE A 105 5.90 27.14 -4.41
C PHE A 105 4.42 27.50 -4.53
N GLY A 106 3.90 28.28 -3.60
CA GLY A 106 2.51 28.70 -3.68
C GLY A 106 1.45 27.80 -3.08
N LYS A 107 1.70 26.49 -3.07
CA LYS A 107 0.73 25.55 -2.51
C LYS A 107 1.47 24.31 -2.04
N LEU A 108 0.73 23.46 -1.33
CA LEU A 108 1.27 22.22 -0.79
C LEU A 108 0.21 21.16 -1.03
N ASP A 109 0.56 20.13 -1.79
CA ASP A 109 -0.37 19.03 -2.10
C ASP A 109 -0.07 17.75 -1.31
N ILE A 110 1.21 17.54 -1.00
CA ILE A 110 1.67 16.35 -0.31
C ILE A 110 2.66 16.72 0.80
N VAL A 111 2.45 16.11 1.97
CA VAL A 111 3.35 16.28 3.11
C VAL A 111 3.80 14.89 3.59
N CYS A 112 5.11 14.68 3.60
CA CYS A 112 5.71 13.42 4.03
C CYS A 112 6.46 13.69 5.33
N SER A 113 5.90 13.20 6.43
CA SER A 113 6.49 13.35 7.76
C SER A 113 7.42 12.15 7.96
N ASN A 114 8.70 12.39 7.75
CA ASN A 114 9.73 11.37 7.80
C ASN A 114 10.76 11.48 8.94
N SER A 115 11.12 12.69 9.34
CA SER A 115 12.11 12.89 10.40
C SER A 115 11.96 12.00 11.63
N GLY A 116 13.06 11.40 12.06
CA GLY A 116 13.02 10.54 13.23
C GLY A 116 14.36 10.08 13.75
N VAL A 117 14.41 9.73 15.03
CA VAL A 117 15.64 9.24 15.66
C VAL A 117 15.46 7.84 16.20
N VAL A 118 16.54 7.07 16.27
CA VAL A 118 16.46 5.73 16.80
C VAL A 118 16.96 5.73 18.27
N SER A 119 16.66 4.65 18.99
CA SER A 119 17.03 4.57 20.39
C SER A 119 17.02 3.12 20.87
N PHE A 120 18.03 2.71 21.64
CA PHE A 120 18.12 1.36 22.18
C PHE A 120 18.44 1.33 23.66
N GLY A 121 17.84 0.37 24.36
CA GLY A 121 18.08 0.25 25.78
C GLY A 121 17.01 -0.51 26.51
N HIS A 122 17.43 -1.39 27.42
CA HIS A 122 16.50 -2.16 28.24
C HIS A 122 15.68 -1.11 28.97
N VAL A 123 14.38 -1.35 29.13
CA VAL A 123 13.48 -0.43 29.80
C VAL A 123 14.02 0.08 31.16
N LYS A 124 14.74 -0.78 31.88
CA LYS A 124 15.28 -0.42 33.19
C LYS A 124 16.31 0.70 33.10
N ASP A 125 16.98 0.77 31.96
CA ASP A 125 18.01 1.77 31.74
C ASP A 125 17.54 3.04 31.06
N VAL A 126 16.25 3.17 30.78
CA VAL A 126 15.79 4.36 30.09
C VAL A 126 15.68 5.60 30.99
N THR A 127 16.28 6.69 30.54
CA THR A 127 16.25 7.95 31.29
C THR A 127 15.16 8.85 30.75
N PRO A 128 14.62 9.75 31.58
CA PRO A 128 13.56 10.66 31.14
C PRO A 128 14.06 11.54 30.00
N GLU A 129 15.35 11.81 29.98
CA GLU A 129 15.94 12.63 28.93
C GLU A 129 15.99 11.85 27.63
N GLU A 130 16.28 10.57 27.69
CA GLU A 130 16.31 9.78 26.46
C GLU A 130 14.90 9.57 25.90
N PHE A 131 13.95 9.29 26.78
CA PHE A 131 12.55 9.09 26.39
C PHE A 131 12.06 10.38 25.73
N ASP A 132 12.33 11.51 26.39
CA ASP A 132 11.92 12.82 25.88
C ASP A 132 12.54 13.20 24.56
N ARG A 133 13.80 12.85 24.35
CA ARG A 133 14.48 13.15 23.10
C ARG A 133 13.84 12.44 21.91
N VAL A 134 13.55 11.16 22.09
CA VAL A 134 12.96 10.34 21.05
C VAL A 134 11.50 10.74 20.76
N PHE A 135 10.68 10.82 21.79
CA PHE A 135 9.29 11.18 21.59
C PHE A 135 9.09 12.60 21.06
N THR A 136 9.98 13.52 21.40
CA THR A 136 9.81 14.89 20.94
C THR A 136 9.97 15.00 19.43
N ILE A 137 10.80 14.14 18.87
CA ILE A 137 11.01 14.14 17.42
C ILE A 137 10.08 13.16 16.68
N ASN A 138 10.08 11.91 17.11
CA ASN A 138 9.28 10.85 16.48
C ASN A 138 7.77 10.92 16.59
N THR A 139 7.29 11.42 17.73
CA THR A 139 5.86 11.47 18.03
C THR A 139 5.27 12.88 18.06
N ARG A 140 5.74 13.68 19.00
CA ARG A 140 5.32 15.06 19.14
C ARG A 140 5.61 15.84 17.85
N GLY A 141 6.81 15.66 17.32
CA GLY A 141 7.20 16.31 16.08
C GLY A 141 6.30 15.98 14.92
N GLN A 142 6.03 14.69 14.70
CA GLN A 142 5.15 14.27 13.62
C GLN A 142 3.73 14.77 13.77
N PHE A 143 3.24 14.84 15.02
CA PHE A 143 1.91 15.34 15.27
C PHE A 143 1.75 16.81 14.87
N PHE A 144 2.76 17.64 15.14
CA PHE A 144 2.67 19.06 14.83
C PHE A 144 2.97 19.38 13.36
N VAL A 145 3.75 18.51 12.73
CA VAL A 145 4.03 18.61 11.29
C VAL A 145 2.69 18.27 10.64
N ALA A 146 1.94 17.35 11.25
CA ALA A 146 0.63 16.94 10.76
C ALA A 146 -0.41 18.02 10.98
N ARG A 147 -0.33 18.69 12.14
CA ARG A 147 -1.28 19.76 12.46
C ARG A 147 -1.12 20.85 11.39
N GLU A 148 0.11 21.28 11.16
CA GLU A 148 0.41 22.33 10.18
C GLU A 148 0.11 21.88 8.74
N ALA A 149 0.39 20.62 8.42
CA ALA A 149 0.12 20.07 7.10
C ALA A 149 -1.40 20.15 6.87
N TYR A 150 -2.21 19.80 7.86
CA TYR A 150 -3.65 19.90 7.72
C TYR A 150 -4.09 21.31 7.32
N LYS A 151 -3.56 22.29 8.04
CA LYS A 151 -3.87 23.70 7.83
C LYS A 151 -3.53 24.23 6.46
N HIS A 152 -2.32 23.94 6.00
CA HIS A 152 -1.79 24.41 4.72
C HIS A 152 -2.01 23.55 3.47
N LEU A 153 -2.32 22.27 3.65
CA LEU A 153 -2.54 21.41 2.49
C LEU A 153 -3.73 21.81 1.60
N GLU A 154 -3.60 21.50 0.31
CA GLU A 154 -4.68 21.75 -0.62
C GLU A 154 -5.88 20.84 -0.28
N ILE A 155 -7.08 21.24 -0.67
CA ILE A 155 -8.25 20.40 -0.46
C ILE A 155 -7.94 19.18 -1.35
N GLY A 156 -8.03 17.97 -0.80
CA GLY A 156 -7.70 16.79 -1.59
C GLY A 156 -6.24 16.38 -1.50
N GLY A 157 -5.56 16.98 -0.52
CA GLY A 157 -4.15 16.72 -0.29
C GLY A 157 -3.83 15.36 0.27
N ARG A 158 -2.56 15.20 0.66
CA ARG A 158 -2.05 13.94 1.17
C ARG A 158 -1.09 14.13 2.33
N LEU A 159 -1.25 13.32 3.36
CA LEU A 159 -0.34 13.36 4.51
C LEU A 159 0.14 11.92 4.77
N ILE A 160 1.44 11.69 4.62
CA ILE A 160 2.01 10.36 4.86
C ILE A 160 2.93 10.45 6.09
N LEU A 161 2.58 9.72 7.14
CA LEU A 161 3.35 9.68 8.37
C LEU A 161 4.32 8.49 8.37
N MET A 162 5.41 8.62 9.12
CA MET A 162 6.43 7.57 9.21
C MET A 162 6.30 6.72 10.47
N GLY A 163 6.05 5.44 10.25
CA GLY A 163 5.93 4.50 11.34
C GLY A 163 7.09 3.55 11.25
N SER A 164 6.84 2.32 11.65
CA SER A 164 7.86 1.30 11.64
C SER A 164 7.27 -0.07 11.94
N ILE A 165 7.96 -1.11 11.51
CA ILE A 165 7.54 -2.48 11.78
C ILE A 165 7.52 -2.68 13.31
N THR A 166 8.34 -1.92 14.03
CA THR A 166 8.42 -2.03 15.49
C THR A 166 7.13 -1.67 16.20
N GLY A 167 6.27 -0.90 15.55
CA GLY A 167 5.00 -0.52 16.15
C GLY A 167 4.17 -1.75 16.50
N GLN A 168 4.39 -2.81 15.75
CA GLN A 168 3.68 -4.07 15.94
C GLN A 168 4.62 -5.25 16.22
N ALA A 169 5.93 -5.04 16.09
CA ALA A 169 6.91 -6.12 16.31
C ALA A 169 6.76 -6.79 17.68
N LYS A 170 7.08 -8.08 17.75
CA LYS A 170 6.92 -8.82 19.00
C LYS A 170 8.18 -9.44 19.56
N ALA A 171 9.30 -9.32 18.87
CA ALA A 171 10.52 -9.93 19.34
C ALA A 171 11.69 -8.98 19.40
N VAL A 172 11.42 -7.68 19.43
CA VAL A 172 12.52 -6.73 19.49
C VAL A 172 12.76 -6.32 20.93
N PRO A 173 13.87 -6.77 21.51
CA PRO A 173 14.17 -6.39 22.89
C PRO A 173 14.92 -5.07 22.92
N LYS A 174 14.89 -4.42 24.08
CA LYS A 174 15.56 -3.15 24.31
C LYS A 174 15.16 -2.09 23.30
N HIS A 175 13.87 -2.04 22.98
CA HIS A 175 13.36 -1.10 21.98
C HIS A 175 12.00 -0.46 22.31
N ALA A 176 11.62 -0.46 23.59
CA ALA A 176 10.33 0.08 23.98
C ALA A 176 10.10 1.56 23.66
N VAL A 177 11.10 2.40 23.87
CA VAL A 177 10.91 3.83 23.60
C VAL A 177 10.70 4.11 22.11
N TYR A 178 11.64 3.65 21.28
CA TYR A 178 11.54 3.86 19.84
C TYR A 178 10.27 3.23 19.27
N SER A 179 10.05 1.96 19.58
CA SER A 179 8.88 1.24 19.09
C SER A 179 7.60 1.94 19.49
N GLY A 180 7.51 2.35 20.75
CA GLY A 180 6.34 3.04 21.23
C GLY A 180 6.10 4.37 20.54
N SER A 181 7.16 5.09 20.19
CA SER A 181 7.06 6.39 19.50
C SER A 181 6.52 6.25 18.08
N LYS A 182 6.73 5.08 17.48
CA LYS A 182 6.23 4.79 16.14
C LYS A 182 4.83 4.18 16.19
N GLY A 183 4.55 3.42 17.25
CA GLY A 183 3.24 2.79 17.39
C GLY A 183 2.18 3.85 17.54
N ALA A 184 2.52 4.93 18.25
CA ALA A 184 1.59 6.04 18.45
C ALA A 184 1.13 6.63 17.12
N ILE A 185 2.03 6.63 16.14
CA ILE A 185 1.76 7.16 14.81
C ILE A 185 0.64 6.42 14.08
N GLU A 186 0.52 5.11 14.33
CA GLU A 186 -0.51 4.31 13.71
C GLU A 186 -1.90 4.75 14.20
N THR A 187 -2.00 5.08 15.49
CA THR A 187 -3.25 5.55 16.07
C THR A 187 -3.53 6.98 15.56
N PHE A 188 -2.49 7.80 15.41
CA PHE A 188 -2.64 9.17 14.90
C PHE A 188 -3.26 9.11 13.51
N ALA A 189 -2.76 8.22 12.66
CA ALA A 189 -3.27 8.09 11.30
C ALA A 189 -4.78 7.78 11.26
N ARG A 190 -5.22 6.83 12.08
CA ARG A 190 -6.63 6.45 12.16
C ARG A 190 -7.47 7.64 12.60
N CYS A 191 -7.02 8.33 13.63
CA CYS A 191 -7.75 9.48 14.17
C CYS A 191 -7.67 10.73 13.31
N MET A 192 -6.48 11.07 12.80
CA MET A 192 -6.33 12.23 11.94
C MET A 192 -7.04 12.03 10.60
N ALA A 193 -7.15 10.77 10.13
CA ALA A 193 -7.86 10.52 8.87
C ALA A 193 -9.30 11.02 8.95
N ILE A 194 -9.89 10.91 10.14
CA ILE A 194 -11.26 11.37 10.39
C ILE A 194 -11.32 12.91 10.30
N ASP A 195 -10.51 13.57 11.12
CA ASP A 195 -10.45 15.02 11.18
C ASP A 195 -10.10 15.67 9.85
N MET A 196 -8.97 15.25 9.27
CA MET A 196 -8.47 15.80 8.01
C MET A 196 -9.31 15.52 6.78
N ALA A 197 -10.28 14.61 6.92
CA ALA A 197 -11.15 14.27 5.82
C ALA A 197 -12.08 15.43 5.45
N ASP A 198 -12.28 16.38 6.39
CA ASP A 198 -13.14 17.54 6.13
C ASP A 198 -12.57 18.46 5.06
N LYS A 199 -11.33 18.16 4.67
CA LYS A 199 -10.61 18.87 3.59
C LYS A 199 -10.21 17.82 2.53
N LYS A 200 -10.83 16.64 2.60
CA LYS A 200 -10.55 15.54 1.67
C LYS A 200 -9.09 15.10 1.67
N ILE A 201 -8.41 15.32 2.77
CA ILE A 201 -7.02 14.92 2.89
C ILE A 201 -6.98 13.46 3.39
N THR A 202 -6.14 12.63 2.76
CA THR A 202 -6.00 11.25 3.24
C THR A 202 -4.75 11.21 4.13
N VAL A 203 -4.85 10.45 5.23
CA VAL A 203 -3.76 10.31 6.17
C VAL A 203 -3.42 8.83 6.35
N ASN A 204 -2.19 8.48 6.01
CA ASN A 204 -1.74 7.11 6.12
C ASN A 204 -0.35 7.02 6.72
N VAL A 205 0.03 5.84 7.18
CA VAL A 205 1.35 5.63 7.75
C VAL A 205 2.09 4.61 6.93
N VAL A 206 3.37 4.86 6.65
CA VAL A 206 4.18 3.86 5.98
C VAL A 206 5.03 3.27 7.12
N ALA A 207 5.04 1.95 7.24
CA ALA A 207 5.79 1.29 8.29
C ALA A 207 6.88 0.38 7.71
N PRO A 208 8.10 0.94 7.51
CA PRO A 208 9.21 0.14 6.95
C PRO A 208 9.79 -0.86 7.93
N GLY A 209 10.44 -1.87 7.36
CA GLY A 209 11.16 -2.83 8.15
C GLY A 209 12.55 -2.22 8.11
N GLY A 210 13.58 -3.05 8.19
CA GLY A 210 14.94 -2.52 8.16
C GLY A 210 15.25 -2.00 6.78
N ILE A 211 15.80 -0.80 6.71
CA ILE A 211 16.13 -0.16 5.43
C ILE A 211 17.55 0.37 5.47
N LYS A 212 18.35 0.08 4.44
CA LYS A 212 19.72 0.56 4.39
C LYS A 212 19.87 2.09 4.35
N THR A 213 20.22 2.68 5.48
CA THR A 213 20.44 4.13 5.63
C THR A 213 21.41 4.24 6.79
N ASP A 214 21.73 5.47 7.20
CA ASP A 214 22.64 5.67 8.33
C ASP A 214 22.06 5.08 9.61
N MET A 215 20.75 5.25 9.80
CA MET A 215 20.06 4.71 10.98
C MET A 215 20.26 3.20 10.99
N TYR A 216 20.11 2.59 9.82
CA TYR A 216 20.28 1.15 9.63
C TYR A 216 21.62 0.67 10.13
N HIS A 217 22.69 1.22 9.57
CA HIS A 217 24.04 0.83 9.94
C HIS A 217 24.35 0.90 11.43
N ALA A 218 23.94 2.00 12.05
CA ALA A 218 24.18 2.23 13.46
C ALA A 218 23.51 1.18 14.38
N VAL A 219 22.20 1.06 14.27
CA VAL A 219 21.46 0.14 15.13
C VAL A 219 21.08 -1.22 14.57
N CYS A 220 21.44 -1.49 13.32
CA CYS A 220 21.12 -2.76 12.68
C CYS A 220 21.49 -3.92 13.59
N ARG A 221 22.75 -3.93 14.04
CA ARG A 221 23.25 -4.99 14.90
C ARG A 221 22.49 -5.17 16.22
N GLU A 222 21.67 -4.17 16.54
CA GLU A 222 20.88 -4.22 17.77
C GLU A 222 19.55 -4.98 17.64
N TYR A 223 19.24 -5.43 16.41
CA TYR A 223 18.03 -6.20 16.13
C TYR A 223 18.46 -7.66 15.87
N ILE A 224 19.78 -7.88 15.79
CA ILE A 224 20.36 -9.19 15.53
C ILE A 224 20.97 -9.78 16.79
N PRO A 225 20.42 -10.91 17.28
CA PRO A 225 20.89 -11.60 18.49
C PRO A 225 22.37 -11.95 18.35
N ASN A 226 23.20 -11.41 19.24
CA ASN A 226 24.64 -11.62 19.18
C ASN A 226 25.27 -11.24 17.85
N GLY A 227 24.78 -10.12 17.31
CA GLY A 227 25.28 -9.63 16.04
C GLY A 227 26.21 -8.43 16.23
N GLU A 228 26.51 -8.10 17.49
CA GLU A 228 27.39 -6.97 17.80
C GLU A 228 28.78 -7.12 17.21
N ASN A 229 29.13 -8.35 16.84
CA ASN A 229 30.43 -8.62 16.24
C ASN A 229 30.30 -9.06 14.78
N LEU A 230 29.19 -8.68 14.15
CA LEU A 230 28.94 -9.01 12.75
C LEU A 230 29.63 -8.03 11.81
N SER A 231 30.11 -8.54 10.68
CA SER A 231 30.76 -7.68 9.69
C SER A 231 29.60 -7.01 8.99
N ASN A 232 29.88 -5.97 8.22
CA ASN A 232 28.80 -5.31 7.50
C ASN A 232 28.09 -6.28 6.55
N GLU A 233 28.86 -7.14 5.89
CA GLU A 233 28.28 -8.13 4.97
C GLU A 233 27.40 -9.14 5.72
N GLU A 234 27.89 -9.63 6.85
CA GLU A 234 27.13 -10.58 7.64
C GLU A 234 25.85 -9.94 8.16
N VAL A 235 25.84 -8.61 8.25
CA VAL A 235 24.68 -7.87 8.70
C VAL A 235 23.66 -7.83 7.55
N ASP A 236 24.13 -7.43 6.37
CA ASP A 236 23.31 -7.35 5.17
C ASP A 236 22.77 -8.74 4.84
N GLU A 237 23.64 -9.73 4.98
CA GLU A 237 23.27 -11.10 4.70
C GLU A 237 22.25 -11.58 5.73
N TYR A 238 22.42 -11.15 6.97
CA TYR A 238 21.49 -11.53 8.02
C TYR A 238 20.14 -10.85 7.76
N ALA A 239 20.18 -9.59 7.33
CA ALA A 239 18.95 -8.84 7.06
C ALA A 239 18.22 -9.46 5.87
N ALA A 240 19.00 -9.91 4.89
CA ALA A 240 18.47 -10.51 3.67
C ALA A 240 17.70 -11.78 3.93
N VAL A 241 18.36 -12.74 4.56
CA VAL A 241 17.76 -14.04 4.85
C VAL A 241 16.81 -14.03 6.06
N GLN A 242 17.21 -13.35 7.12
CA GLN A 242 16.41 -13.30 8.33
C GLN A 242 15.14 -12.48 8.30
N TRP A 243 15.17 -11.29 7.70
CA TRP A 243 13.96 -10.45 7.71
C TRP A 243 13.11 -10.45 6.45
N SER A 244 13.41 -11.32 5.49
CA SER A 244 12.63 -11.35 4.27
C SER A 244 12.72 -12.63 3.45
N PRO A 245 11.56 -13.22 3.14
CA PRO A 245 11.46 -14.45 2.34
C PRO A 245 11.99 -14.17 0.92
N LEU A 246 11.93 -12.89 0.53
CA LEU A 246 12.40 -12.41 -0.78
C LEU A 246 13.92 -12.36 -0.84
N ARG A 247 14.56 -12.67 0.27
CA ARG A 247 16.00 -12.72 0.36
C ARG A 247 16.80 -11.53 -0.12
N ARG A 248 16.44 -10.34 0.33
CA ARG A 248 17.20 -9.13 -0.02
C ARG A 248 17.00 -8.07 1.05
N VAL A 249 17.86 -7.06 1.06
CA VAL A 249 17.75 -5.98 2.03
C VAL A 249 16.78 -4.91 1.52
N GLY A 250 16.07 -4.25 2.44
CA GLY A 250 15.15 -3.19 2.08
C GLY A 250 15.95 -1.94 1.76
N LEU A 251 15.48 -1.16 0.78
CA LEU A 251 16.17 0.05 0.34
C LEU A 251 15.27 1.25 0.41
N PRO A 252 15.85 2.44 0.57
CA PRO A 252 15.05 3.67 0.64
C PRO A 252 14.00 3.79 -0.50
N ILE A 253 14.35 3.32 -1.71
CA ILE A 253 13.44 3.37 -2.86
C ILE A 253 12.20 2.49 -2.68
N ASP A 254 12.34 1.39 -1.92
CA ASP A 254 11.22 0.49 -1.66
C ASP A 254 10.12 1.26 -0.92
N ILE A 255 10.54 2.22 -0.11
CA ILE A 255 9.62 3.03 0.69
C ILE A 255 9.10 4.19 -0.13
N ALA A 256 10.01 4.86 -0.85
CA ALA A 256 9.69 5.99 -1.70
C ALA A 256 8.57 5.67 -2.69
N ARG A 257 8.62 4.47 -3.29
CA ARG A 257 7.61 4.02 -4.25
C ARG A 257 6.18 3.93 -3.68
N VAL A 258 6.07 3.45 -2.44
CA VAL A 258 4.76 3.31 -1.79
C VAL A 258 4.22 4.69 -1.41
N VAL A 259 5.14 5.56 -1.00
CA VAL A 259 4.80 6.92 -0.61
C VAL A 259 4.19 7.66 -1.83
N CYS A 260 4.79 7.45 -3.00
CA CYS A 260 4.30 8.07 -4.25
C CYS A 260 2.91 7.53 -4.61
N PHE A 261 2.69 6.23 -4.40
CA PHE A 261 1.38 5.62 -4.65
C PHE A 261 0.33 6.29 -3.78
N LEU A 262 0.64 6.41 -2.49
CA LEU A 262 -0.29 7.03 -1.54
C LEU A 262 -0.49 8.49 -1.87
N ALA A 263 0.58 9.13 -2.32
CA ALA A 263 0.56 10.55 -2.67
C ALA A 263 -0.26 10.85 -3.94
N SER A 264 -0.47 9.84 -4.78
CA SER A 264 -1.22 9.97 -6.04
C SER A 264 -2.72 9.71 -5.92
N ASN A 265 -3.41 9.89 -7.03
CA ASN A 265 -4.85 9.67 -7.06
C ASN A 265 -5.18 8.19 -6.81
N ASP A 266 -4.20 7.31 -7.04
CA ASP A 266 -4.39 5.88 -6.83
C ASP A 266 -4.68 5.60 -5.35
N GLY A 267 -4.17 6.48 -4.49
CA GLY A 267 -4.38 6.29 -3.07
C GLY A 267 -5.61 6.97 -2.53
N GLY A 268 -6.46 7.50 -3.41
CA GLY A 268 -7.66 8.21 -2.99
C GLY A 268 -8.60 7.55 -2.00
N TRP A 269 -8.80 6.23 -2.08
CA TRP A 269 -9.71 5.55 -1.17
C TRP A 269 -8.93 4.89 -0.02
N VAL A 270 -7.64 5.14 0.02
CA VAL A 270 -6.79 4.62 1.08
C VAL A 270 -6.54 5.72 2.12
N THR A 271 -7.22 5.63 3.27
CA THR A 271 -7.05 6.59 4.37
C THR A 271 -7.21 5.91 5.74
N GLY A 272 -6.44 6.37 6.72
CA GLY A 272 -6.46 5.80 8.07
C GLY A 272 -5.82 4.43 8.14
N LYS A 273 -4.92 4.15 7.19
CA LYS A 273 -4.25 2.86 7.10
C LYS A 273 -2.76 2.88 7.38
N VAL A 274 -2.25 1.70 7.70
CA VAL A 274 -0.84 1.50 7.97
C VAL A 274 -0.38 0.48 6.94
N ILE A 275 0.53 0.88 6.06
CA ILE A 275 1.05 0.01 5.02
C ILE A 275 2.43 -0.47 5.42
N GLY A 276 2.53 -1.77 5.69
CA GLY A 276 3.81 -2.35 6.08
C GLY A 276 4.67 -2.52 4.84
N ILE A 277 5.93 -2.10 4.91
CA ILE A 277 6.81 -2.20 3.75
C ILE A 277 8.09 -2.79 4.28
N ASP A 278 8.10 -4.12 4.40
CA ASP A 278 9.23 -4.82 4.97
C ASP A 278 9.61 -6.12 4.27
N GLY A 279 9.13 -6.32 3.04
CA GLY A 279 9.48 -7.53 2.31
C GLY A 279 8.97 -8.80 2.95
N GLY A 280 7.90 -8.68 3.74
CA GLY A 280 7.31 -9.82 4.41
C GLY A 280 8.00 -10.26 5.69
N ALA A 281 8.60 -9.31 6.40
CA ALA A 281 9.34 -9.57 7.65
C ALA A 281 8.51 -9.93 8.88
N CYS A 282 9.13 -10.71 9.76
CA CYS A 282 8.51 -11.11 11.01
C CYS A 282 9.48 -10.68 12.12
N MET A 283 9.10 -9.64 12.86
CA MET A 283 9.94 -9.13 13.94
C MET A 283 9.22 -8.91 15.26
N TYR B 13 23.36 -6.02 -2.38
CA TYR B 13 22.05 -5.71 -1.81
C TYR B 13 21.72 -4.24 -1.96
N ASP B 14 22.62 -3.52 -2.62
CA ASP B 14 22.41 -2.10 -2.86
C ASP B 14 21.79 -1.89 -4.23
N ALA B 15 21.76 -2.95 -5.05
CA ALA B 15 21.21 -2.90 -6.40
C ALA B 15 19.74 -2.50 -6.39
N ILE B 16 19.41 -1.45 -7.15
CA ILE B 16 18.04 -0.97 -7.19
C ILE B 16 17.16 -1.95 -7.93
N PRO B 17 16.04 -2.35 -7.32
CA PRO B 17 15.11 -3.29 -7.97
C PRO B 17 14.16 -2.53 -8.90
N GLY B 18 14.39 -2.70 -10.20
CA GLY B 18 13.54 -2.02 -11.17
C GLY B 18 13.93 -0.57 -11.38
N PRO B 19 13.21 0.13 -12.28
CA PRO B 19 13.43 1.53 -12.65
C PRO B 19 13.08 2.60 -11.62
N LEU B 20 13.94 3.60 -11.52
CA LEU B 20 13.69 4.75 -10.65
C LEU B 20 12.69 5.61 -11.45
N GLY B 21 11.87 6.40 -10.77
CA GLY B 21 10.90 7.21 -11.48
C GLY B 21 9.58 6.51 -11.76
N PRO B 22 8.66 7.19 -12.46
CA PRO B 22 7.30 6.80 -12.88
C PRO B 22 7.13 5.48 -13.61
N GLN B 23 8.16 5.03 -14.33
CA GLN B 23 8.09 3.77 -15.05
C GLN B 23 7.91 2.59 -14.09
N SER B 24 8.26 2.80 -12.82
CA SER B 24 8.12 1.77 -11.80
C SER B 24 6.62 1.45 -11.57
N ALA B 25 5.74 2.34 -12.03
CA ALA B 25 4.31 2.14 -11.89
C ALA B 25 3.70 1.52 -13.13
N SER B 26 4.50 1.39 -14.16
CA SER B 26 4.05 0.85 -15.43
C SER B 26 3.69 -0.65 -15.46
N LEU B 27 2.56 -0.98 -16.08
CA LEU B 27 2.16 -2.38 -16.22
C LEU B 27 2.21 -2.79 -17.69
N GLU B 28 2.98 -2.02 -18.46
CA GLU B 28 3.15 -2.24 -19.89
C GLU B 28 3.77 -3.59 -20.22
N GLY B 29 3.10 -4.36 -21.08
CA GLY B 29 3.62 -5.67 -21.47
C GLY B 29 3.41 -6.81 -20.47
N LYS B 30 2.63 -6.55 -19.42
CA LYS B 30 2.34 -7.56 -18.43
C LYS B 30 1.10 -8.32 -18.86
N VAL B 31 0.95 -9.54 -18.37
CA VAL B 31 -0.22 -10.34 -18.66
C VAL B 31 -0.85 -10.63 -17.31
N ALA B 32 -2.13 -10.28 -17.17
CA ALA B 32 -2.89 -10.47 -15.95
C ALA B 32 -4.09 -11.35 -16.17
N LEU B 33 -4.46 -12.11 -15.13
CA LEU B 33 -5.64 -12.97 -15.15
C LEU B 33 -6.42 -12.50 -13.96
N VAL B 34 -7.72 -12.25 -14.16
CA VAL B 34 -8.61 -11.79 -13.11
C VAL B 34 -9.81 -12.73 -13.05
N THR B 35 -10.09 -13.29 -11.88
CA THR B 35 -11.24 -14.19 -11.75
C THR B 35 -12.50 -13.40 -11.46
N GLY B 36 -13.62 -13.80 -12.06
CA GLY B 36 -14.87 -13.09 -11.87
C GLY B 36 -14.82 -11.68 -12.44
N ALA B 37 -14.19 -11.53 -13.60
CA ALA B 37 -14.03 -10.23 -14.26
C ALA B 37 -15.12 -9.78 -15.25
N GLY B 38 -16.23 -10.51 -15.30
CA GLY B 38 -17.29 -10.13 -16.21
C GLY B 38 -18.15 -9.01 -15.65
N ARG B 39 -18.12 -8.85 -14.33
CA ARG B 39 -18.92 -7.84 -13.64
C ARG B 39 -18.20 -7.31 -12.42
N GLY B 40 -18.83 -6.32 -11.80
CA GLY B 40 -18.35 -5.67 -10.60
C GLY B 40 -16.90 -5.26 -10.48
N ILE B 41 -16.35 -5.43 -9.29
CA ILE B 41 -14.98 -5.08 -9.01
C ILE B 41 -14.01 -5.78 -9.96
N GLY B 42 -14.24 -7.06 -10.23
CA GLY B 42 -13.39 -7.81 -11.14
C GLY B 42 -13.36 -7.19 -12.54
N ARG B 43 -14.50 -6.74 -13.04
CA ARG B 43 -14.55 -6.12 -14.36
C ARG B 43 -13.65 -4.86 -14.39
N GLU B 44 -13.76 -4.02 -13.36
CA GLU B 44 -12.97 -2.80 -13.31
C GLU B 44 -11.49 -3.05 -13.11
N MET B 45 -11.13 -4.13 -12.41
CA MET B 45 -9.72 -4.48 -12.24
C MET B 45 -9.17 -4.77 -13.62
N ALA B 46 -9.90 -5.57 -14.39
CA ALA B 46 -9.50 -5.94 -15.75
C ALA B 46 -9.38 -4.70 -16.66
N MET B 47 -10.38 -3.81 -16.63
CA MET B 47 -10.38 -2.58 -17.45
C MET B 47 -9.18 -1.72 -17.12
N GLU B 48 -8.99 -1.44 -15.83
CA GLU B 48 -7.87 -0.61 -15.37
C GLU B 48 -6.51 -1.24 -15.65
N LEU B 49 -6.36 -2.55 -15.43
CA LEU B 49 -5.10 -3.21 -15.72
C LEU B 49 -4.81 -3.05 -17.23
N GLY B 50 -5.87 -3.19 -18.03
CA GLY B 50 -5.76 -3.06 -19.47
C GLY B 50 -5.31 -1.67 -19.86
N ARG B 51 -5.94 -0.66 -19.27
CA ARG B 51 -5.61 0.74 -19.54
C ARG B 51 -4.15 1.04 -19.22
N ARG B 52 -3.59 0.31 -18.26
CA ARG B 52 -2.19 0.50 -17.87
C ARG B 52 -1.23 -0.36 -18.65
N GLY B 53 -1.72 -0.96 -19.74
CA GLY B 53 -0.85 -1.76 -20.60
C GLY B 53 -0.82 -3.27 -20.49
N CYS B 54 -1.68 -3.87 -19.66
CA CYS B 54 -1.73 -5.31 -19.50
C CYS B 54 -2.64 -6.01 -20.49
N LYS B 55 -2.25 -7.23 -20.87
CA LYS B 55 -3.11 -8.08 -21.69
C LYS B 55 -3.88 -8.75 -20.56
N VAL B 56 -5.19 -8.88 -20.69
CA VAL B 56 -5.98 -9.42 -19.60
C VAL B 56 -6.81 -10.65 -19.93
N ILE B 57 -6.71 -11.69 -19.09
CA ILE B 57 -7.54 -12.89 -19.26
C ILE B 57 -8.68 -12.67 -18.31
N VAL B 58 -9.87 -12.52 -18.89
CA VAL B 58 -11.12 -12.29 -18.17
C VAL B 58 -11.84 -13.59 -17.86
N ASN B 59 -11.75 -14.05 -16.61
CA ASN B 59 -12.44 -15.27 -16.21
C ASN B 59 -13.87 -14.97 -15.82
N TYR B 60 -14.75 -15.93 -16.04
CA TYR B 60 -16.16 -15.81 -15.68
C TYR B 60 -16.65 -17.24 -15.48
N ALA B 61 -17.75 -17.39 -14.75
CA ALA B 61 -18.33 -18.70 -14.50
C ALA B 61 -19.65 -18.78 -15.24
N ASN B 62 -20.39 -17.67 -15.21
CA ASN B 62 -21.71 -17.60 -15.83
C ASN B 62 -21.83 -16.49 -16.89
N SER B 63 -21.62 -15.25 -16.45
CA SER B 63 -21.73 -14.05 -17.29
C SER B 63 -20.91 -14.07 -18.58
N THR B 64 -21.32 -14.88 -19.55
CA THR B 64 -20.59 -15.02 -20.81
C THR B 64 -20.62 -13.82 -21.72
N GLU B 65 -21.80 -13.25 -21.88
CA GLU B 65 -21.98 -12.09 -22.73
C GLU B 65 -21.24 -10.91 -22.10
N SER B 66 -21.30 -10.83 -20.78
CA SER B 66 -20.66 -9.77 -20.02
C SER B 66 -19.14 -9.86 -20.18
N ALA B 67 -18.64 -11.09 -20.12
CA ALA B 67 -17.22 -11.37 -20.24
C ALA B 67 -16.67 -10.93 -21.59
N GLU B 68 -17.39 -11.30 -22.66
CA GLU B 68 -16.95 -10.92 -24.00
C GLU B 68 -17.05 -9.40 -24.15
N GLU B 69 -17.99 -8.77 -23.43
CA GLU B 69 -18.12 -7.32 -23.44
C GLU B 69 -16.94 -6.65 -22.77
N VAL B 70 -16.39 -7.27 -21.72
CA VAL B 70 -15.24 -6.70 -21.03
C VAL B 70 -14.04 -6.84 -21.92
N VAL B 71 -13.91 -8.02 -22.52
CA VAL B 71 -12.80 -8.32 -23.41
C VAL B 71 -12.76 -7.30 -24.58
N ALA B 72 -13.93 -7.02 -25.18
CA ALA B 72 -14.09 -6.07 -26.29
C ALA B 72 -13.76 -4.63 -25.87
N ALA B 73 -14.21 -4.23 -24.68
CA ALA B 73 -13.92 -2.90 -24.14
C ALA B 73 -12.43 -2.75 -23.87
N ILE B 74 -11.79 -3.79 -23.34
CA ILE B 74 -10.36 -3.72 -23.08
C ILE B 74 -9.59 -3.55 -24.41
N LYS B 75 -10.00 -4.26 -25.46
CA LYS B 75 -9.35 -4.17 -26.76
C LYS B 75 -9.53 -2.76 -27.30
N LYS B 76 -10.72 -2.21 -27.12
CA LYS B 76 -11.02 -0.86 -27.59
C LYS B 76 -10.10 0.18 -26.94
N ASN B 77 -9.61 -0.11 -25.73
CA ASN B 77 -8.71 0.79 -25.02
C ASN B 77 -7.25 0.61 -25.41
N GLY B 78 -6.97 -0.34 -26.29
CA GLY B 78 -5.61 -0.51 -26.72
C GLY B 78 -4.80 -1.67 -26.21
N SER B 79 -5.45 -2.61 -25.53
CA SER B 79 -4.75 -3.77 -24.99
C SER B 79 -5.46 -5.06 -25.36
N ASP B 80 -4.72 -6.14 -25.50
CA ASP B 80 -5.34 -7.41 -25.83
C ASP B 80 -6.00 -8.02 -24.61
N ALA B 81 -7.09 -8.75 -24.83
CA ALA B 81 -7.83 -9.43 -23.77
C ALA B 81 -8.49 -10.66 -24.37
N ALA B 82 -8.83 -11.60 -23.49
CA ALA B 82 -9.51 -12.86 -23.88
C ALA B 82 -10.24 -13.37 -22.65
N CYS B 83 -11.28 -14.18 -22.83
CA CYS B 83 -11.99 -14.72 -21.68
C CYS B 83 -11.83 -16.23 -21.58
N VAL B 84 -11.94 -16.72 -20.35
CA VAL B 84 -11.82 -18.15 -20.06
C VAL B 84 -12.91 -18.48 -19.04
N LYS B 85 -13.72 -19.49 -19.34
CA LYS B 85 -14.77 -19.90 -18.42
C LYS B 85 -14.23 -20.90 -17.41
N ALA B 86 -14.58 -20.70 -16.14
CA ALA B 86 -14.14 -21.59 -15.09
C ALA B 86 -14.82 -21.22 -13.81
N ASN B 87 -15.28 -22.25 -13.11
CA ASN B 87 -15.95 -22.12 -11.84
C ASN B 87 -14.90 -22.44 -10.76
N VAL B 88 -14.59 -21.46 -9.91
CA VAL B 88 -13.58 -21.64 -8.87
C VAL B 88 -13.96 -22.65 -7.79
N GLY B 89 -15.23 -23.04 -7.77
CA GLY B 89 -15.69 -24.03 -6.82
C GLY B 89 -15.27 -25.44 -7.25
N VAL B 90 -14.71 -25.55 -8.45
CA VAL B 90 -14.26 -26.83 -8.98
C VAL B 90 -12.79 -26.69 -9.28
N VAL B 91 -11.94 -27.35 -8.48
CA VAL B 91 -10.50 -27.26 -8.65
C VAL B 91 -9.99 -27.72 -10.01
N GLU B 92 -10.77 -28.59 -10.66
CA GLU B 92 -10.42 -29.08 -11.99
C GLU B 92 -10.53 -27.91 -12.99
N ASP B 93 -11.53 -27.05 -12.79
CA ASP B 93 -11.74 -25.87 -13.64
C ASP B 93 -10.59 -24.89 -13.51
N ILE B 94 -10.16 -24.69 -12.26
CA ILE B 94 -9.05 -23.77 -11.97
C ILE B 94 -7.79 -24.26 -12.65
N VAL B 95 -7.49 -25.56 -12.56
CA VAL B 95 -6.30 -26.10 -13.19
C VAL B 95 -6.37 -25.89 -14.71
N ARG B 96 -7.54 -26.19 -15.28
CA ARG B 96 -7.76 -26.02 -16.72
C ARG B 96 -7.60 -24.57 -17.16
N MET B 97 -8.23 -23.69 -16.38
CA MET B 97 -8.19 -22.26 -16.65
C MET B 97 -6.78 -21.71 -16.77
N PHE B 98 -5.89 -22.12 -15.87
CA PHE B 98 -4.51 -21.64 -15.90
C PHE B 98 -3.72 -22.20 -17.05
N GLU B 99 -4.03 -23.43 -17.42
CA GLU B 99 -3.35 -24.08 -18.55
C GLU B 99 -3.75 -23.35 -19.82
N GLU B 100 -5.04 -23.05 -19.94
CA GLU B 100 -5.57 -22.31 -21.08
C GLU B 100 -4.97 -20.91 -21.09
N ALA B 101 -5.01 -20.26 -19.93
CA ALA B 101 -4.50 -18.91 -19.77
C ALA B 101 -3.09 -18.69 -20.28
N VAL B 102 -2.14 -19.51 -19.84
CA VAL B 102 -0.76 -19.34 -20.25
C VAL B 102 -0.54 -19.55 -21.73
N LYS B 103 -1.44 -20.30 -22.36
CA LYS B 103 -1.33 -20.57 -23.79
C LYS B 103 -1.86 -19.40 -24.65
N ILE B 104 -2.75 -18.59 -24.05
CA ILE B 104 -3.34 -17.44 -24.73
C ILE B 104 -2.29 -16.37 -25.00
N PHE B 105 -1.59 -15.93 -23.95
CA PHE B 105 -0.58 -14.90 -24.11
C PHE B 105 0.87 -15.35 -23.84
N GLY B 106 1.07 -16.65 -23.60
CA GLY B 106 2.40 -17.19 -23.40
C GLY B 106 3.02 -17.18 -22.00
N LYS B 107 2.46 -16.39 -21.09
CA LYS B 107 2.97 -16.28 -19.72
C LYS B 107 1.92 -15.61 -18.86
N LEU B 108 2.20 -15.54 -17.57
CA LEU B 108 1.30 -14.95 -16.60
C LEU B 108 2.14 -14.17 -15.60
N ASP B 109 1.88 -12.87 -15.48
CA ASP B 109 2.63 -12.01 -14.57
C ASP B 109 1.86 -11.62 -13.32
N ILE B 110 0.55 -11.45 -13.47
CA ILE B 110 -0.29 -11.00 -12.38
C ILE B 110 -1.54 -11.85 -12.31
N VAL B 111 -1.93 -12.19 -11.08
CA VAL B 111 -3.15 -12.96 -10.86
C VAL B 111 -3.97 -12.26 -9.80
N CYS B 112 -5.19 -11.90 -10.17
CA CYS B 112 -6.11 -11.23 -9.27
C CYS B 112 -7.25 -12.20 -8.96
N SER B 113 -7.25 -12.73 -7.74
CA SER B 113 -8.28 -13.66 -7.29
C SER B 113 -9.35 -12.76 -6.68
N ASN B 114 -10.45 -12.60 -7.42
CA ASN B 114 -11.56 -11.71 -7.07
C ASN B 114 -12.95 -12.35 -6.91
N SER B 115 -13.20 -13.48 -7.57
CA SER B 115 -14.50 -14.16 -7.48
C SER B 115 -14.95 -14.33 -6.04
N GLY B 116 -16.21 -14.02 -5.78
CA GLY B 116 -16.76 -14.16 -4.45
C GLY B 116 -18.26 -14.00 -4.45
N VAL B 117 -18.90 -14.52 -3.41
CA VAL B 117 -20.36 -14.42 -3.23
C VAL B 117 -20.66 -13.84 -1.86
N VAL B 118 -21.81 -13.18 -1.71
CA VAL B 118 -22.17 -12.63 -0.42
C VAL B 118 -23.19 -13.56 0.29
N SER B 119 -23.35 -13.39 1.60
CA SER B 119 -24.25 -14.20 2.39
C SER B 119 -24.65 -13.45 3.65
N PHE B 120 -25.89 -13.66 4.07
CA PHE B 120 -26.45 -13.02 5.26
C PHE B 120 -27.29 -13.96 6.09
N GLY B 121 -27.14 -13.84 7.41
CA GLY B 121 -27.92 -14.67 8.31
C GLY B 121 -27.37 -14.77 9.71
N HIS B 122 -28.27 -14.70 10.69
CA HIS B 122 -27.92 -14.84 12.09
C HIS B 122 -27.33 -16.25 12.14
N VAL B 123 -26.27 -16.42 12.91
CA VAL B 123 -25.60 -17.71 13.03
C VAL B 123 -26.57 -18.88 13.25
N LYS B 124 -27.63 -18.65 14.01
CA LYS B 124 -28.60 -19.70 14.33
C LYS B 124 -29.30 -20.28 13.12
N ASP B 125 -29.38 -19.49 12.06
CA ASP B 125 -30.05 -19.88 10.83
C ASP B 125 -29.16 -20.40 9.73
N VAL B 126 -27.87 -20.43 9.97
CA VAL B 126 -26.97 -20.89 8.94
C VAL B 126 -27.00 -22.42 8.78
N THR B 127 -27.17 -22.85 7.54
CA THR B 127 -27.21 -24.27 7.17
C THR B 127 -25.85 -24.64 6.62
N PRO B 128 -25.52 -25.94 6.66
CA PRO B 128 -24.23 -26.42 6.15
C PRO B 128 -24.10 -26.14 4.65
N GLU B 129 -25.20 -26.21 3.93
CA GLU B 129 -25.18 -25.96 2.48
C GLU B 129 -24.86 -24.51 2.18
N GLU B 130 -25.39 -23.58 2.96
CA GLU B 130 -25.09 -22.17 2.76
C GLU B 130 -23.64 -21.88 3.15
N PHE B 131 -23.19 -22.44 4.26
CA PHE B 131 -21.81 -22.25 4.71
C PHE B 131 -20.86 -22.81 3.64
N ASP B 132 -21.15 -24.01 3.15
CA ASP B 132 -20.30 -24.62 2.13
C ASP B 132 -20.31 -23.84 0.82
N ARG B 133 -21.46 -23.32 0.43
CA ARG B 133 -21.58 -22.55 -0.81
C ARG B 133 -20.61 -21.36 -0.80
N VAL B 134 -20.61 -20.63 0.31
CA VAL B 134 -19.79 -19.46 0.50
C VAL B 134 -18.30 -19.76 0.64
N PHE B 135 -17.96 -20.71 1.52
CA PHE B 135 -16.53 -21.05 1.71
C PHE B 135 -15.89 -21.70 0.49
N THR B 136 -16.66 -22.45 -0.28
CA THR B 136 -16.09 -23.11 -1.44
C THR B 136 -15.62 -22.09 -2.47
N ILE B 137 -16.36 -20.99 -2.59
CA ILE B 137 -15.99 -19.94 -3.54
C ILE B 137 -15.03 -18.89 -2.95
N ASN B 138 -15.45 -18.26 -1.86
CA ASN B 138 -14.65 -17.19 -1.22
C ASN B 138 -13.34 -17.58 -0.57
N THR B 139 -13.23 -18.82 -0.12
CA THR B 139 -12.04 -19.28 0.58
C THR B 139 -11.29 -20.38 -0.14
N ARG B 140 -11.93 -21.53 -0.27
CA ARG B 140 -11.36 -22.69 -0.96
C ARG B 140 -10.99 -22.32 -2.40
N GLY B 141 -11.91 -21.66 -3.09
CA GLY B 141 -11.66 -21.24 -4.47
C GLY B 141 -10.44 -20.34 -4.60
N GLN B 142 -10.32 -19.33 -3.75
CA GLN B 142 -9.17 -18.44 -3.79
C GLN B 142 -7.88 -19.19 -3.44
N PHE B 143 -7.96 -20.14 -2.52
CA PHE B 143 -6.77 -20.89 -2.17
C PHE B 143 -6.22 -21.64 -3.38
N PHE B 144 -7.12 -22.29 -4.12
CA PHE B 144 -6.70 -23.05 -5.28
C PHE B 144 -6.34 -22.20 -6.49
N VAL B 145 -6.93 -21.01 -6.60
CA VAL B 145 -6.56 -20.09 -7.67
C VAL B 145 -5.12 -19.67 -7.32
N ALA B 146 -4.85 -19.51 -6.02
CA ALA B 146 -3.51 -19.14 -5.54
C ALA B 146 -2.49 -20.24 -5.81
N ARG B 147 -2.89 -21.49 -5.58
CA ARG B 147 -2.00 -22.62 -5.81
C ARG B 147 -1.58 -22.69 -7.27
N GLU B 148 -2.56 -22.58 -8.18
CA GLU B 148 -2.25 -22.63 -9.60
C GLU B 148 -1.49 -21.40 -10.06
N ALA B 149 -1.76 -20.25 -9.45
CA ALA B 149 -1.08 -19.02 -9.80
C ALA B 149 0.39 -19.19 -9.46
N TYR B 150 0.67 -19.78 -8.29
CA TYR B 150 2.06 -19.99 -7.88
C TYR B 150 2.80 -20.78 -8.94
N LYS B 151 2.15 -21.82 -9.45
CA LYS B 151 2.73 -22.69 -10.46
C LYS B 151 3.04 -22.02 -11.78
N HIS B 152 2.11 -21.19 -12.23
CA HIS B 152 2.26 -20.55 -13.52
C HIS B 152 2.83 -19.16 -13.60
N LEU B 153 2.92 -18.47 -12.47
CA LEU B 153 3.43 -17.11 -12.47
C LEU B 153 4.93 -16.98 -12.80
N GLU B 154 5.26 -15.89 -13.48
CA GLU B 154 6.64 -15.58 -13.79
C GLU B 154 7.39 -15.32 -12.49
N ILE B 155 8.68 -15.57 -12.46
CA ILE B 155 9.49 -15.29 -11.27
C ILE B 155 9.32 -13.78 -11.17
N GLY B 156 9.05 -13.28 -9.97
CA GLY B 156 8.86 -11.84 -9.81
C GLY B 156 7.40 -11.43 -9.98
N GLY B 157 6.53 -12.44 -10.08
CA GLY B 157 5.10 -12.25 -10.28
C GLY B 157 4.34 -11.60 -9.17
N ARG B 158 3.02 -11.54 -9.32
CA ARG B 158 2.15 -10.88 -8.38
C ARG B 158 0.86 -11.67 -8.20
N LEU B 159 0.44 -11.80 -6.94
CA LEU B 159 -0.80 -12.47 -6.61
C LEU B 159 -1.55 -11.56 -5.67
N ILE B 160 -2.74 -11.14 -6.06
CA ILE B 160 -3.55 -10.27 -5.22
C ILE B 160 -4.85 -10.99 -4.92
N LEU B 161 -5.09 -11.24 -3.65
CA LEU B 161 -6.30 -11.90 -3.22
C LEU B 161 -7.34 -10.87 -2.78
N MET B 162 -8.60 -11.28 -2.77
CA MET B 162 -9.71 -10.42 -2.38
C MET B 162 -10.23 -10.70 -0.97
N GLY B 163 -10.19 -9.65 -0.16
CA GLY B 163 -10.66 -9.73 1.21
C GLY B 163 -11.86 -8.84 1.40
N SER B 164 -11.93 -8.22 2.57
CA SER B 164 -13.03 -7.35 2.89
C SER B 164 -12.82 -6.74 4.25
N ILE B 165 -13.46 -5.59 4.45
CA ILE B 165 -13.41 -4.89 5.73
C ILE B 165 -14.01 -5.78 6.81
N THR B 166 -14.93 -6.67 6.42
CA THR B 166 -15.60 -7.57 7.35
C THR B 166 -14.65 -8.57 7.99
N GLY B 167 -13.50 -8.79 7.36
CA GLY B 167 -12.51 -9.70 7.93
C GLY B 167 -12.14 -9.24 9.34
N GLN B 168 -12.14 -7.93 9.56
CA GLN B 168 -11.83 -7.33 10.86
C GLN B 168 -13.00 -6.52 11.47
N ALA B 169 -14.07 -6.30 10.71
CA ALA B 169 -15.23 -5.54 11.19
C ALA B 169 -15.69 -6.00 12.58
N LYS B 170 -16.31 -5.11 13.34
CA LYS B 170 -16.74 -5.44 14.68
C LYS B 170 -18.22 -5.22 14.95
N ALA B 171 -18.92 -4.65 13.98
CA ALA B 171 -20.34 -4.36 14.19
C ALA B 171 -21.26 -4.82 13.07
N VAL B 172 -20.84 -5.82 12.32
CA VAL B 172 -21.70 -6.32 11.26
C VAL B 172 -22.41 -7.59 11.76
N PRO B 173 -23.69 -7.46 12.12
CA PRO B 173 -24.47 -8.60 12.61
C PRO B 173 -24.91 -9.46 11.43
N LYS B 174 -25.25 -10.71 11.72
CA LYS B 174 -25.72 -11.64 10.69
C LYS B 174 -24.78 -11.78 9.50
N HIS B 175 -23.48 -11.78 9.77
CA HIS B 175 -22.51 -11.87 8.71
C HIS B 175 -21.30 -12.73 9.05
N ALA B 176 -21.46 -13.70 9.96
CA ALA B 176 -20.34 -14.55 10.36
C ALA B 176 -19.76 -15.39 9.23
N VAL B 177 -20.61 -16.00 8.42
CA VAL B 177 -20.14 -16.85 7.31
C VAL B 177 -19.32 -16.06 6.29
N TYR B 178 -19.91 -15.00 5.75
CA TYR B 178 -19.23 -14.16 4.76
C TYR B 178 -17.91 -13.58 5.32
N SER B 179 -18.02 -12.88 6.45
CA SER B 179 -16.86 -12.28 7.07
C SER B 179 -15.76 -13.29 7.34
N GLY B 180 -16.12 -14.44 7.91
CA GLY B 180 -15.13 -15.47 8.21
C GLY B 180 -14.45 -15.99 6.97
N SER B 181 -15.19 -16.09 5.87
CA SER B 181 -14.61 -16.58 4.61
C SER B 181 -13.56 -15.60 4.07
N LYS B 182 -13.75 -14.32 4.42
CA LYS B 182 -12.83 -13.27 3.99
C LYS B 182 -11.67 -13.12 4.97
N GLY B 183 -11.93 -13.28 6.27
CA GLY B 183 -10.88 -13.17 7.26
C GLY B 183 -9.78 -14.17 7.00
N ALA B 184 -10.18 -15.37 6.56
CA ALA B 184 -9.26 -16.46 6.27
C ALA B 184 -8.27 -16.05 5.20
N ILE B 185 -8.70 -15.23 4.26
CA ILE B 185 -7.84 -14.78 3.18
C ILE B 185 -6.66 -13.97 3.67
N GLU B 186 -6.87 -13.22 4.75
CA GLU B 186 -5.81 -12.40 5.34
C GLU B 186 -4.65 -13.25 5.86
N THR B 187 -4.97 -14.39 6.47
CA THR B 187 -3.94 -15.31 6.98
C THR B 187 -3.27 -16.00 5.79
N PHE B 188 -4.06 -16.36 4.77
CA PHE B 188 -3.48 -17.00 3.58
C PHE B 188 -2.41 -16.09 3.02
N ALA B 189 -2.73 -14.81 2.87
CA ALA B 189 -1.77 -13.84 2.33
C ALA B 189 -0.46 -13.86 3.11
N ARG B 190 -0.54 -13.80 4.45
CA ARG B 190 0.68 -13.86 5.27
C ARG B 190 1.47 -15.13 5.05
N CYS B 191 0.77 -16.26 5.02
CA CYS B 191 1.43 -17.54 4.84
C CYS B 191 1.92 -17.84 3.42
N MET B 192 1.13 -17.46 2.42
CA MET B 192 1.52 -17.69 1.03
C MET B 192 2.66 -16.76 0.63
N ALA B 193 2.77 -15.59 1.27
CA ALA B 193 3.86 -14.66 0.95
C ALA B 193 5.21 -15.32 1.22
N ILE B 194 5.25 -16.19 2.23
CA ILE B 194 6.47 -16.92 2.59
C ILE B 194 6.77 -17.97 1.54
N ASP B 195 5.80 -18.85 1.28
CA ASP B 195 5.95 -19.93 0.30
C ASP B 195 6.27 -19.43 -1.13
N MET B 196 5.46 -18.50 -1.61
CA MET B 196 5.61 -17.98 -2.96
C MET B 196 6.80 -17.08 -3.20
N ALA B 197 7.44 -16.64 -2.11
CA ALA B 197 8.61 -15.78 -2.21
C ALA B 197 9.81 -16.49 -2.84
N ASP B 198 9.73 -17.82 -2.93
CA ASP B 198 10.80 -18.60 -3.55
C ASP B 198 10.83 -18.44 -5.07
N LYS B 199 9.81 -17.78 -5.61
CA LYS B 199 9.73 -17.46 -7.03
C LYS B 199 9.63 -15.92 -7.13
N LYS B 200 9.93 -15.24 -6.03
CA LYS B 200 9.89 -13.78 -5.96
C LYS B 200 8.51 -13.17 -6.24
N ILE B 201 7.46 -13.95 -5.96
CA ILE B 201 6.09 -13.50 -6.12
C ILE B 201 5.60 -12.85 -4.82
N THR B 202 5.00 -11.67 -4.92
CA THR B 202 4.44 -11.05 -3.72
C THR B 202 2.97 -11.48 -3.66
N VAL B 203 2.46 -11.65 -2.44
CA VAL B 203 1.08 -12.06 -2.21
C VAL B 203 0.48 -11.07 -1.22
N ASN B 204 -0.60 -10.43 -1.61
CA ASN B 204 -1.25 -9.44 -0.77
C ASN B 204 -2.74 -9.60 -0.91
N VAL B 205 -3.49 -8.96 0.00
CA VAL B 205 -4.94 -8.99 0.00
C VAL B 205 -5.44 -7.57 -0.03
N VAL B 206 -6.46 -7.32 -0.85
CA VAL B 206 -7.10 -6.00 -0.89
C VAL B 206 -8.41 -6.20 -0.12
N ALA B 207 -8.70 -5.30 0.81
CA ALA B 207 -9.91 -5.42 1.61
C ALA B 207 -10.82 -4.20 1.45
N PRO B 208 -11.71 -4.26 0.45
CA PRO B 208 -12.64 -3.16 0.17
C PRO B 208 -13.67 -3.00 1.25
N GLY B 209 -14.16 -1.77 1.38
CA GLY B 209 -15.26 -1.51 2.28
C GLY B 209 -16.41 -1.66 1.29
N GLY B 210 -17.53 -1.00 1.52
CA GLY B 210 -18.64 -1.07 0.58
C GLY B 210 -18.26 -0.43 -0.75
N ILE B 211 -18.54 -1.14 -1.84
CA ILE B 211 -18.23 -0.68 -3.21
C ILE B 211 -19.46 -0.87 -4.10
N LYS B 212 -19.84 0.14 -4.87
CA LYS B 212 -21.02 0.04 -5.76
C LYS B 212 -20.88 -0.97 -6.87
N THR B 213 -21.57 -2.10 -6.69
CA THR B 213 -21.62 -3.22 -7.65
C THR B 213 -22.97 -3.87 -7.40
N ASP B 214 -23.23 -5.00 -8.05
CA ASP B 214 -24.47 -5.74 -7.88
C ASP B 214 -24.53 -6.27 -6.46
N MET B 215 -23.37 -6.71 -5.96
CA MET B 215 -23.27 -7.23 -4.60
C MET B 215 -23.68 -6.11 -3.66
N TYR B 216 -23.17 -4.92 -3.95
CA TYR B 216 -23.46 -3.72 -3.18
C TYR B 216 -24.95 -3.48 -3.05
N HIS B 217 -25.65 -3.49 -4.18
CA HIS B 217 -27.07 -3.25 -4.14
C HIS B 217 -27.80 -4.17 -3.17
N ALA B 218 -27.12 -5.28 -2.83
CA ALA B 218 -27.63 -6.26 -1.86
C ALA B 218 -26.82 -6.18 -0.54
N ASP B 236 -27.08 5.09 -0.87
CA ASP B 236 -25.88 5.79 -1.37
C ASP B 236 -25.48 6.92 -0.44
N GLU B 237 -26.48 7.66 0.04
CA GLU B 237 -26.27 8.78 0.96
C GLU B 237 -25.88 8.24 2.33
N TYR B 238 -26.50 7.11 2.72
CA TYR B 238 -26.18 6.46 3.99
C TYR B 238 -24.74 5.93 3.92
N ALA B 239 -24.41 5.20 2.86
CA ALA B 239 -23.07 4.67 2.69
C ALA B 239 -22.05 5.81 2.64
N ALA B 240 -22.45 6.92 2.02
CA ALA B 240 -21.58 8.09 1.87
C ALA B 240 -21.23 8.72 3.22
N VAL B 241 -22.27 9.11 3.96
CA VAL B 241 -22.07 9.74 5.25
C VAL B 241 -21.71 8.78 6.37
N GLN B 242 -22.28 7.59 6.35
CA GLN B 242 -22.04 6.60 7.39
C GLN B 242 -20.73 5.84 7.39
N TRP B 243 -20.26 5.41 6.23
CA TRP B 243 -19.04 4.63 6.19
C TRP B 243 -17.79 5.37 5.73
N SER B 244 -17.90 6.68 5.52
CA SER B 244 -16.73 7.44 5.09
C SER B 244 -16.71 8.91 5.47
N PRO B 245 -15.62 9.34 6.13
CA PRO B 245 -15.43 10.73 6.53
C PRO B 245 -15.24 11.55 5.25
N LEU B 246 -14.81 10.89 4.17
CA LEU B 246 -14.60 11.56 2.89
C LEU B 246 -15.94 11.85 2.22
N ARG B 247 -16.99 11.29 2.80
CA ARG B 247 -18.35 11.50 2.33
C ARG B 247 -18.72 11.19 0.88
N ARG B 248 -18.40 9.97 0.44
CA ARG B 248 -18.76 9.50 -0.88
C ARG B 248 -18.84 7.98 -0.82
N VAL B 249 -19.28 7.39 -1.91
CA VAL B 249 -19.42 5.94 -2.01
C VAL B 249 -18.17 5.36 -2.68
N GLY B 250 -17.79 4.17 -2.24
CA GLY B 250 -16.63 3.50 -2.81
C GLY B 250 -17.02 2.95 -4.17
N LEU B 251 -16.10 3.02 -5.11
CA LEU B 251 -16.37 2.56 -6.45
C LEU B 251 -15.37 1.49 -6.89
N PRO B 252 -15.74 0.64 -7.86
CA PRO B 252 -14.79 -0.37 -8.31
C PRO B 252 -13.41 0.17 -8.66
N ILE B 253 -13.34 1.35 -9.27
CA ILE B 253 -12.05 1.97 -9.65
C ILE B 253 -11.17 2.27 -8.41
N ASP B 254 -11.80 2.54 -7.28
CA ASP B 254 -11.04 2.81 -6.06
C ASP B 254 -10.22 1.59 -5.70
N ILE B 255 -10.77 0.41 -6.00
CA ILE B 255 -10.08 -0.85 -5.72
C ILE B 255 -9.09 -1.18 -6.83
N ALA B 256 -9.55 -1.02 -8.07
CA ALA B 256 -8.72 -1.32 -9.22
C ALA B 256 -7.39 -0.61 -9.19
N ARG B 257 -7.41 0.65 -8.77
CA ARG B 257 -6.18 1.44 -8.68
C ARG B 257 -5.15 0.85 -7.71
N VAL B 258 -5.59 0.37 -6.54
CA VAL B 258 -4.68 -0.21 -5.55
C VAL B 258 -4.11 -1.53 -6.07
N VAL B 259 -4.96 -2.29 -6.76
CA VAL B 259 -4.54 -3.56 -7.34
C VAL B 259 -3.41 -3.29 -8.33
N CYS B 260 -3.55 -2.25 -9.15
CA CYS B 260 -2.51 -1.92 -10.11
C CYS B 260 -1.20 -1.51 -9.42
N PHE B 261 -1.31 -0.81 -8.30
CA PHE B 261 -0.12 -0.42 -7.53
C PHE B 261 0.62 -1.67 -7.06
N LEU B 262 -0.10 -2.58 -6.39
CA LEU B 262 0.48 -3.83 -5.89
C LEU B 262 1.06 -4.65 -7.02
N ALA B 263 0.34 -4.69 -8.14
CA ALA B 263 0.76 -5.44 -9.31
C ALA B 263 1.99 -4.84 -9.99
N SER B 264 2.32 -3.58 -9.67
CA SER B 264 3.47 -2.91 -10.28
C SER B 264 4.75 -3.08 -9.48
N ASN B 265 5.84 -2.57 -10.03
CA ASN B 265 7.13 -2.64 -9.37
C ASN B 265 7.10 -1.76 -8.13
N ASP B 266 6.15 -0.85 -8.03
CA ASP B 266 6.01 0.02 -6.86
C ASP B 266 5.62 -0.81 -5.64
N GLY B 267 4.99 -1.96 -5.89
CA GLY B 267 4.55 -2.85 -4.84
C GLY B 267 5.54 -3.94 -4.48
N GLY B 268 6.76 -3.83 -5.02
CA GLY B 268 7.81 -4.81 -4.79
C GLY B 268 8.20 -5.16 -3.37
N TRP B 269 8.14 -4.20 -2.45
CA TRP B 269 8.49 -4.48 -1.06
C TRP B 269 7.26 -4.67 -0.18
N VAL B 270 6.10 -4.73 -0.84
CA VAL B 270 4.85 -4.98 -0.14
C VAL B 270 4.44 -6.45 -0.41
N THR B 271 4.55 -7.29 0.61
CA THR B 271 4.15 -8.69 0.52
C THR B 271 3.66 -9.18 1.89
N GLY B 272 2.65 -10.05 1.87
CA GLY B 272 2.05 -10.57 3.09
C GLY B 272 1.20 -9.53 3.80
N LYS B 273 0.80 -8.48 3.08
CA LYS B 273 0.03 -7.40 3.68
C LYS B 273 -1.45 -7.40 3.30
N VAL B 274 -2.25 -6.75 4.14
CA VAL B 274 -3.68 -6.60 3.90
C VAL B 274 -3.90 -5.08 3.76
N ILE B 275 -4.28 -4.63 2.56
CA ILE B 275 -4.52 -3.19 2.30
C ILE B 275 -6.00 -2.86 2.38
N GLY B 276 -6.39 -2.09 3.40
CA GLY B 276 -7.80 -1.73 3.55
C GLY B 276 -8.14 -0.60 2.60
N ILE B 277 -9.22 -0.74 1.83
CA ILE B 277 -9.63 0.27 0.86
C ILE B 277 -11.08 0.53 1.08
N ASP B 278 -11.36 1.42 2.02
CA ASP B 278 -12.73 1.71 2.40
C ASP B 278 -12.99 3.16 2.72
N GLY B 279 -12.09 4.06 2.34
CA GLY B 279 -12.28 5.48 2.60
C GLY B 279 -12.34 5.89 4.06
N GLY B 280 -11.66 5.12 4.94
CA GLY B 280 -11.69 5.43 6.36
C GLY B 280 -12.93 4.98 7.11
N ALA B 281 -13.56 3.92 6.63
CA ALA B 281 -14.76 3.34 7.25
C ALA B 281 -14.46 2.64 8.57
N CYS B 282 -15.50 2.50 9.38
CA CYS B 282 -15.43 1.83 10.67
C CYS B 282 -16.67 0.96 10.76
N MET B 283 -16.50 -0.34 10.54
CA MET B 283 -17.60 -1.28 10.58
C MET B 283 -17.37 -2.46 11.50
PA NDP C . 18.55 8.69 9.29
O1A NDP C . 19.12 8.29 10.61
O2A NDP C . 19.27 8.41 8.03
O5B NDP C . 18.10 10.26 9.36
C5B NDP C . 16.82 10.62 8.83
C4B NDP C . 16.42 12.11 8.93
O4B NDP C . 15.92 12.41 10.26
C3B NDP C . 17.55 13.07 8.64
O3B NDP C . 17.26 13.98 7.58
C2B NDP C . 17.60 13.94 9.89
O2B NDP C . 17.91 15.33 9.66
C1B NDP C . 16.18 13.82 10.33
N9A NDP C . 16.03 14.50 11.67
C8A NDP C . 16.53 14.07 12.84
N7A NDP C . 16.18 14.90 13.82
C5A NDP C . 15.46 15.85 13.24
C6A NDP C . 14.86 16.97 13.88
N6A NDP C . 14.95 17.21 15.19
N1A NDP C . 14.17 17.81 13.07
C2A NDP C . 14.05 17.59 11.75
N3A NDP C . 14.63 16.52 11.15
C4A NDP C . 15.35 15.63 11.88
O3 NDP C . 17.12 7.98 9.19
PN NDP C . 16.32 7.11 8.15
O1N NDP C . 16.35 7.81 6.84
O2N NDP C . 16.81 5.73 8.26
O5D NDP C . 14.83 7.14 8.74
C5D NDP C . 13.96 8.23 8.54
C4D NDP C . 12.62 7.90 9.17
O4D NDP C . 12.23 6.53 8.87
C3D NDP C . 12.68 7.97 10.67
O3D NDP C . 11.46 8.51 11.21
C2D NDP C . 12.94 6.52 11.11
O2D NDP C . 12.67 6.24 12.49
C1D NDP C . 12.04 5.81 10.11
N1N NDP C . 12.41 4.38 9.93
C2N NDP C . 13.69 3.96 9.48
C3N NDP C . 13.98 2.59 9.33
C7N NDP C . 15.34 2.04 8.88
O7N NDP C . 15.57 0.85 8.97
N7N NDP C . 16.27 2.89 8.42
C4N NDP C . 12.99 1.66 9.63
C5N NDP C . 11.72 2.06 10.07
C6N NDP C . 11.42 3.43 10.23
P2B NDP C . 19.42 15.87 9.65
O1X NDP C . 19.95 15.82 8.28
O2X NDP C . 20.31 15.03 10.48
O3X NDP C . 19.41 17.23 10.17
C1 PHH D . 16.66 -0.07 11.67
C2 PHH D . 15.42 0.39 12.07
C3 PHH D . 14.96 1.76 12.44
O4 PHH D . 13.66 1.73 12.74
C5 PHH D . 13.20 0.34 12.57
C6 PHH D . 14.36 -0.49 12.15
C7 PHH D . 14.50 -1.83 11.88
CL7 PHH D . 13.13 -2.87 12.00
C8 PHH D . 15.73 -2.31 11.49
CL8 PHH D . 15.86 -4.03 11.16
C9 PHH D . 16.83 -1.45 11.38
CL9 PHH D . 18.40 -2.04 10.88
CL10 PHH D . 17.97 1.07 11.57
O11 PHH D . 11.97 -0.12 12.75
PA NDP E . -20.62 -9.13 -7.82
O1A NDP E . -21.66 -9.82 -7.02
O2A NDP E . -20.93 -7.94 -8.63
O5B NDP E . -19.90 -10.18 -8.79
C5B NDP E . -18.65 -10.72 -8.36
C4B NDP E . -18.00 -11.72 -9.29
O4B NDP E . -17.87 -13.00 -8.63
C3B NDP E . -18.78 -11.93 -10.57
O3B NDP E . -17.96 -11.73 -11.73
C2B NDP E . -19.05 -13.41 -10.57
O2B NDP E . -19.00 -13.91 -11.93
C1B NDP E . -17.92 -13.90 -9.71
N9A NDP E . -18.09 -15.35 -9.38
C8A NDP E . -19.03 -15.84 -8.54
N7A NDP E . -18.91 -17.16 -8.45
C5A NDP E . -17.91 -17.47 -9.24
C6A NDP E . -17.41 -18.74 -9.46
N6A NDP E . -17.93 -19.84 -8.88
N1A NDP E . -16.37 -18.84 -10.31
C2A NDP E . -15.84 -17.75 -10.91
N3A NDP E . -16.34 -16.52 -10.68
C4A NDP E . -17.37 -16.35 -9.84
O3 NDP E . -19.38 -8.79 -6.84
PN NDP E . -18.35 -7.59 -6.51
O1N NDP E . -17.70 -7.24 -7.80
O2N NDP E . -19.05 -6.59 -5.68
O5D NDP E . -17.26 -8.33 -5.60
C5D NDP E . -16.02 -8.79 -6.13
C4D NDP E . -15.18 -9.40 -5.02
O4D NDP E . -14.87 -8.42 -4.02
C3D NDP E . -15.95 -10.48 -4.29
O3D NDP E . -15.08 -11.56 -3.93
C2D NDP E . -16.52 -9.81 -3.08
O2D NDP E . -16.86 -10.68 -2.00
C1D NDP E . -15.40 -8.84 -2.75
N1N NDP E . -15.90 -7.67 -2.03
C2N NDP E . -16.93 -6.87 -2.56
C3N NDP E . -17.37 -5.76 -1.85
C7N NDP E . -18.49 -4.86 -2.37
O7N NDP E . -19.09 -4.12 -1.58
N7N NDP E . -18.78 -4.89 -3.69
C4N NDP E . -16.78 -5.45 -0.62
C5N NDP E . -15.74 -6.25 -0.10
C6N NDP E . -15.29 -7.36 -0.81
P2B NDP E . -20.22 -14.65 -12.62
O1X NDP E . -21.09 -13.65 -13.25
O2X NDP E . -20.99 -15.48 -11.65
O3X NDP E . -19.64 -15.48 -13.72
#